data_5IC3
#
_entry.id   5IC3
#
_cell.length_a   32.772
_cell.length_b   48.252
_cell.length_c   51.639
_cell.angle_alpha   90.00
_cell.angle_beta   101.47
_cell.angle_gamma   90.00
#
_symmetry.space_group_name_H-M   'P 1 21 1'
#
loop_
_entity.id
_entity.type
_entity.pdbx_description
1 polymer 'Golgi-associated PDZ and coiled-coil motif-containing protein'
2 polymer 'HPV18E6 Peptide'
3 non-polymer 4-[methyl(nitroso)amino]benzene-1,2-diol
4 water water
#
loop_
_entity_poly.entity_id
_entity_poly.type
_entity_poly.pdbx_seq_one_letter_code
_entity_poly.pdbx_strand_id
1 'polypeptide(L)'
;GPIRKVLLLKEDHEGLGISITGGKEHGVPILISEIHPGQPADRCGGLHVGDAILAVNGVNLRDTKHKEAVTILSQQRGEI
EFEVVYV
;
A,B
2 'polypeptide(L)' RLQRRRETQV C,D
#
# COMPACT_ATOMS: atom_id res chain seq x y z
N GLY A 1 -11.58 3.77 -0.66
CA GLY A 1 -11.88 2.35 -0.53
C GLY A 1 -10.87 1.63 0.35
N PRO A 2 -11.14 0.36 0.65
CA PRO A 2 -10.19 -0.50 1.36
C PRO A 2 -9.04 -0.91 0.43
N ILE A 3 -7.84 -1.10 0.99
CA ILE A 3 -6.72 -1.58 0.19
C ILE A 3 -6.95 -3.05 -0.19
N ARG A 4 -6.64 -3.39 -1.43
CA ARG A 4 -6.64 -4.77 -1.86
C ARG A 4 -5.27 -5.12 -2.38
N LYS A 5 -4.88 -6.38 -2.23
CA LYS A 5 -3.69 -6.87 -2.90
C LYS A 5 -4.15 -7.84 -3.98
N VAL A 6 -3.63 -7.66 -5.17
CA VAL A 6 -4.13 -8.41 -6.31
C VAL A 6 -2.92 -8.99 -7.04
N LEU A 7 -2.96 -10.28 -7.32
CA LEU A 7 -1.86 -10.92 -8.05
CA LEU A 7 -1.87 -10.94 -8.04
C LEU A 7 -2.14 -11.00 -9.55
N LEU A 8 -1.13 -10.64 -10.34
CA LEU A 8 -1.20 -10.81 -11.79
C LEU A 8 -0.15 -11.83 -12.14
N LEU A 9 -0.42 -12.61 -13.19
CA LEU A 9 0.56 -13.53 -13.73
C LEU A 9 0.83 -13.10 -15.17
N LYS A 10 2.09 -12.77 -15.43
CA LYS A 10 2.51 -12.19 -16.71
CA LYS A 10 2.51 -12.20 -16.70
C LYS A 10 3.50 -13.13 -17.38
N GLU A 11 3.20 -13.55 -18.61
CA GLU A 11 4.19 -14.33 -19.38
C GLU A 11 5.32 -13.34 -19.74
N ASP A 12 6.54 -13.85 -19.88
CA ASP A 12 7.69 -12.95 -20.04
C ASP A 12 7.57 -11.99 -21.21
N HIS A 13 6.84 -12.39 -22.26
CA HIS A 13 6.77 -11.57 -23.48
C HIS A 13 5.70 -10.47 -23.42
N GLU A 14 4.73 -10.59 -22.53
CA GLU A 14 3.61 -9.65 -22.52
C GLU A 14 3.80 -8.51 -21.53
N GLY A 15 3.01 -7.45 -21.70
CA GLY A 15 3.02 -6.35 -20.75
C GLY A 15 2.05 -6.68 -19.63
N LEU A 16 1.87 -5.75 -18.70
CA LEU A 16 0.86 -5.92 -17.64
C LEU A 16 -0.57 -5.82 -18.17
N GLY A 17 -0.74 -5.11 -19.28
CA GLY A 17 -2.04 -4.92 -19.89
C GLY A 17 -2.84 -3.79 -19.26
N ILE A 18 -2.16 -2.75 -18.76
CA ILE A 18 -2.84 -1.58 -18.25
C ILE A 18 -2.28 -0.29 -18.86
N SER A 19 -3.10 0.76 -18.89
CA SER A 19 -2.56 2.11 -19.08
C SER A 19 -2.66 2.84 -17.74
N ILE A 20 -1.66 3.67 -17.43
CA ILE A 20 -1.68 4.45 -16.21
C ILE A 20 -1.52 5.94 -16.46
N THR A 21 -2.14 6.73 -15.58
CA THR A 21 -1.99 8.17 -15.58
C THR A 21 -1.52 8.60 -14.20
N GLY A 22 -1.28 9.89 -14.02
CA GLY A 22 -0.94 10.41 -12.70
C GLY A 22 0.51 10.25 -12.29
N GLY A 23 0.75 10.42 -11.00
CA GLY A 23 2.10 10.44 -10.45
C GLY A 23 2.37 11.73 -9.68
N LYS A 24 3.49 11.76 -8.97
CA LYS A 24 3.83 12.86 -8.08
C LYS A 24 3.69 14.21 -8.75
N GLU A 25 4.26 14.36 -9.94
CA GLU A 25 4.27 15.68 -10.56
C GLU A 25 2.86 16.15 -10.94
N HIS A 26 1.90 15.23 -10.94
CA HIS A 26 0.52 15.54 -11.31
C HIS A 26 -0.40 15.71 -10.11
N GLY A 27 0.13 15.51 -8.90
CA GLY A 27 -0.65 15.72 -7.70
C GLY A 27 -1.77 14.71 -7.52
N VAL A 28 -1.57 13.51 -8.05
CA VAL A 28 -2.56 12.44 -7.93
C VAL A 28 -1.82 11.13 -7.96
N PRO A 29 -2.43 10.06 -7.44
CA PRO A 29 -1.77 8.76 -7.44
C PRO A 29 -1.57 8.26 -8.86
N ILE A 30 -0.74 7.23 -9.02
CA ILE A 30 -0.74 6.44 -10.24
C ILE A 30 -2.10 5.79 -10.36
N LEU A 31 -2.78 6.05 -11.47
CA LEU A 31 -4.15 5.57 -11.65
C LEU A 31 -4.27 4.69 -12.87
N ILE A 32 -5.01 3.59 -12.74
CA ILE A 32 -5.28 2.76 -13.90
C ILE A 32 -6.36 3.42 -14.76
N SER A 33 -5.99 3.75 -15.99
CA SER A 33 -6.91 4.43 -16.90
C SER A 33 -7.50 3.49 -17.95
N GLU A 34 -6.81 2.39 -18.23
CA GLU A 34 -7.31 1.40 -19.18
C GLU A 34 -6.90 0.01 -18.77
N ILE A 35 -7.79 -0.95 -19.04
CA ILE A 35 -7.47 -2.36 -18.89
C ILE A 35 -7.61 -3.00 -20.27
N HIS A 36 -6.52 -3.61 -20.74
CA HIS A 36 -6.47 -4.10 -22.12
C HIS A 36 -6.92 -5.55 -22.26
N PRO A 37 -7.94 -5.77 -23.11
CA PRO A 37 -8.53 -7.10 -23.26
C PRO A 37 -7.49 -8.16 -23.60
N GLY A 38 -7.55 -9.28 -22.88
CA GLY A 38 -6.75 -10.44 -23.21
C GLY A 38 -5.38 -10.40 -22.60
N GLN A 39 -5.06 -9.32 -21.91
CA GLN A 39 -3.73 -9.17 -21.29
C GLN A 39 -3.83 -9.48 -19.79
N PRO A 40 -2.69 -9.53 -19.08
CA PRO A 40 -2.71 -10.07 -17.72
C PRO A 40 -3.72 -9.44 -16.76
N ALA A 41 -3.77 -8.12 -16.71
CA ALA A 41 -4.72 -7.49 -15.80
C ALA A 41 -6.15 -7.90 -16.09
N ASP A 42 -6.49 -8.00 -17.38
CA ASP A 42 -7.81 -8.42 -17.80
C ASP A 42 -8.06 -9.90 -17.48
N ARG A 43 -7.08 -10.76 -17.76
CA ARG A 43 -7.26 -12.21 -17.61
C ARG A 43 -7.40 -12.61 -16.14
N CYS A 44 -6.65 -11.94 -15.29
CA CYS A 44 -6.59 -12.30 -13.88
C CYS A 44 -7.74 -11.63 -13.11
N GLY A 45 -8.14 -10.45 -13.56
CA GLY A 45 -9.18 -9.68 -12.90
C GLY A 45 -8.69 -9.12 -11.57
N GLY A 46 -9.55 -8.35 -10.91
CA GLY A 46 -9.22 -7.81 -9.60
C GLY A 46 -8.77 -6.37 -9.69
N LEU A 47 -8.33 -5.96 -10.88
CA LEU A 47 -7.93 -4.58 -11.13
C LEU A 47 -9.00 -3.90 -11.97
N HIS A 48 -9.17 -2.59 -11.77
CA HIS A 48 -10.24 -1.84 -12.41
C HIS A 48 -9.80 -0.44 -12.78
N VAL A 49 -10.37 0.10 -13.85
CA VAL A 49 -10.19 1.50 -14.18
C VAL A 49 -10.60 2.32 -12.98
N GLY A 50 -9.74 3.25 -12.59
CA GLY A 50 -10.00 4.08 -11.42
C GLY A 50 -9.29 3.63 -10.16
N ASP A 51 -8.75 2.41 -10.15
CA ASP A 51 -7.92 1.99 -9.02
C ASP A 51 -6.62 2.78 -9.02
N ALA A 52 -6.19 3.19 -7.83
CA ALA A 52 -4.86 3.77 -7.67
C ALA A 52 -3.89 2.64 -7.36
N ILE A 53 -2.70 2.68 -7.96
CA ILE A 53 -1.67 1.71 -7.66
C ILE A 53 -0.76 2.32 -6.61
N LEU A 54 -0.86 1.84 -5.38
CA LEU A 54 -0.07 2.35 -4.26
C LEU A 54 1.32 1.71 -4.21
N ALA A 55 1.42 0.45 -4.61
CA ALA A 55 2.70 -0.27 -4.62
C ALA A 55 2.63 -1.45 -5.57
N VAL A 56 3.78 -1.90 -6.05
CA VAL A 56 3.85 -3.13 -6.83
C VAL A 56 5.01 -3.95 -6.28
N ASN A 57 4.74 -5.22 -5.95
CA ASN A 57 5.74 -6.10 -5.35
C ASN A 57 6.55 -5.48 -4.21
N GLY A 58 5.86 -4.69 -3.39
CA GLY A 58 6.51 -4.08 -2.24
C GLY A 58 7.19 -2.76 -2.53
N VAL A 59 7.22 -2.34 -3.78
CA VAL A 59 7.78 -1.03 -4.13
C VAL A 59 6.70 0.06 -4.00
N ASN A 60 6.90 0.98 -3.06
CA ASN A 60 5.96 2.07 -2.82
C ASN A 60 5.91 3.02 -4.02
N LEU A 61 4.76 3.14 -4.66
CA LEU A 61 4.61 4.08 -5.78
C LEU A 61 3.80 5.34 -5.43
N ARG A 62 3.56 5.58 -4.14
CA ARG A 62 2.70 6.70 -3.75
C ARG A 62 3.31 8.07 -3.98
N ASP A 63 4.64 8.15 -4.07
CA ASP A 63 5.29 9.46 -4.22
C ASP A 63 6.28 9.48 -5.38
N THR A 64 6.11 8.54 -6.31
CA THR A 64 7.00 8.44 -7.46
C THR A 64 6.45 9.26 -8.60
N LYS A 65 7.33 9.84 -9.39
CA LYS A 65 6.92 10.50 -10.62
C LYS A 65 6.37 9.46 -11.59
N HIS A 66 5.56 9.91 -12.53
CA HIS A 66 4.97 9.04 -13.55
C HIS A 66 5.98 8.11 -14.20
N LYS A 67 7.08 8.68 -14.70
CA LYS A 67 8.07 7.88 -15.41
C LYS A 67 8.75 6.83 -14.53
N GLU A 68 9.06 7.19 -13.28
CA GLU A 68 9.63 6.24 -12.34
C GLU A 68 8.69 5.05 -12.14
N ALA A 69 7.39 5.33 -11.99
CA ALA A 69 6.40 4.27 -11.83
C ALA A 69 6.33 3.37 -13.08
N VAL A 70 6.30 3.98 -14.26
CA VAL A 70 6.31 3.22 -15.52
C VAL A 70 7.50 2.24 -15.54
N THR A 71 8.68 2.76 -15.20
CA THR A 71 9.90 1.95 -15.22
C THR A 71 9.83 0.78 -14.24
N ILE A 72 9.44 1.05 -13.00
CA ILE A 72 9.31 -0.02 -12.02
C ILE A 72 8.30 -1.06 -12.50
N LEU A 73 7.15 -0.61 -13.01
CA LEU A 73 6.10 -1.53 -13.44
C LEU A 73 6.59 -2.39 -14.61
N SER A 74 7.35 -1.77 -15.51
CA SER A 74 7.83 -2.45 -16.70
CA SER A 74 7.85 -2.45 -16.71
C SER A 74 8.90 -3.49 -16.37
N GLN A 75 9.52 -3.37 -15.20
CA GLN A 75 10.58 -4.30 -14.81
C GLN A 75 10.06 -5.58 -14.14
N GLN A 76 8.78 -5.57 -13.75
CA GLN A 76 8.22 -6.69 -13.00
C GLN A 76 8.08 -7.88 -13.90
N ARG A 77 8.29 -9.07 -13.34
CA ARG A 77 8.19 -10.30 -14.12
C ARG A 77 7.46 -11.39 -13.33
N GLY A 78 6.77 -12.25 -14.06
CA GLY A 78 6.14 -13.41 -13.46
C GLY A 78 4.92 -13.09 -12.62
N GLU A 79 5.00 -13.41 -11.34
CA GLU A 79 3.88 -13.21 -10.43
C GLU A 79 4.06 -11.87 -9.73
N ILE A 80 3.10 -10.98 -9.90
CA ILE A 80 3.26 -9.58 -9.51
C ILE A 80 2.10 -9.11 -8.64
N GLU A 81 2.40 -8.69 -7.43
CA GLU A 81 1.37 -8.28 -6.48
C GLU A 81 1.18 -6.76 -6.51
N PHE A 82 -0.05 -6.34 -6.81
CA PHE A 82 -0.41 -4.93 -6.81
C PHE A 82 -1.15 -4.61 -5.54
N GLU A 83 -0.79 -3.49 -4.91
CA GLU A 83 -1.53 -2.97 -3.78
C GLU A 83 -2.31 -1.80 -4.32
N VAL A 84 -3.63 -1.90 -4.29
CA VAL A 84 -4.47 -0.90 -4.94
C VAL A 84 -5.62 -0.48 -4.06
N VAL A 85 -6.17 0.69 -4.35
CA VAL A 85 -7.38 1.16 -3.69
C VAL A 85 -8.23 1.88 -4.72
N TYR A 86 -9.54 1.65 -4.66
CA TYR A 86 -10.43 2.38 -5.54
C TYR A 86 -10.68 3.78 -5.00
N VAL A 87 -10.22 4.78 -5.74
CA VAL A 87 -10.33 6.16 -5.31
C VAL A 87 -11.63 6.79 -5.81
N GLY B 1 1.65 6.88 28.02
CA GLY B 1 0.79 5.71 27.93
C GLY B 1 1.63 4.47 28.08
N PRO B 2 1.02 3.38 28.52
CA PRO B 2 1.82 2.15 28.63
C PRO B 2 2.14 1.60 27.24
N ILE B 3 3.31 0.98 27.09
CA ILE B 3 3.63 0.31 25.83
C ILE B 3 2.79 -0.95 25.74
N ARG B 4 2.18 -1.14 24.58
CA ARG B 4 1.38 -2.33 24.34
C ARG B 4 1.94 -3.06 23.15
N LYS B 5 1.91 -4.38 23.21
CA LYS B 5 2.28 -5.20 22.05
C LYS B 5 0.97 -5.76 21.52
N VAL B 6 0.66 -5.37 20.28
CA VAL B 6 -0.67 -5.61 19.74
C VAL B 6 -0.57 -6.50 18.54
N LEU B 7 -1.40 -7.55 18.49
CA LEU B 7 -1.35 -8.49 17.38
C LEU B 7 -2.42 -8.15 16.35
N LEU B 8 -2.03 -8.16 15.07
CA LEU B 8 -2.97 -7.95 13.99
C LEU B 8 -2.80 -9.14 13.06
N LEU B 9 -3.91 -9.80 12.75
CA LEU B 9 -3.92 -10.91 11.81
C LEU B 9 -4.56 -10.42 10.53
N LYS B 10 -3.85 -10.57 9.41
CA LYS B 10 -4.48 -10.19 8.15
C LYS B 10 -4.23 -11.23 7.07
N GLU B 11 -5.16 -11.27 6.13
CA GLU B 11 -5.03 -12.16 5.00
C GLU B 11 -4.19 -11.48 3.93
N ASP B 12 -3.66 -12.28 3.01
CA ASP B 12 -2.73 -11.75 2.03
C ASP B 12 -3.39 -10.80 1.03
N HIS B 13 -4.71 -10.83 0.92
CA HIS B 13 -5.42 -9.96 -0.03
C HIS B 13 -5.74 -8.58 0.53
N GLU B 14 -5.44 -8.36 1.81
CA GLU B 14 -5.81 -7.11 2.46
C GLU B 14 -4.60 -6.30 2.88
N GLY B 15 -4.82 -5.02 3.15
CA GLY B 15 -3.83 -4.21 3.83
C GLY B 15 -4.13 -4.19 5.32
N LEU B 16 -3.48 -3.28 6.04
CA LEU B 16 -3.61 -3.24 7.50
C LEU B 16 -4.91 -2.63 7.97
N GLY B 17 -5.43 -1.66 7.22
CA GLY B 17 -6.62 -0.95 7.64
C GLY B 17 -6.36 0.19 8.59
N ILE B 18 -5.22 0.85 8.44
CA ILE B 18 -4.95 2.05 9.22
C ILE B 18 -4.45 3.14 8.30
N SER B 19 -4.62 4.39 8.72
CA SER B 19 -3.91 5.47 8.09
C SER B 19 -2.93 6.03 9.11
N ILE B 20 -1.75 6.42 8.65
CA ILE B 20 -0.74 6.99 9.53
C ILE B 20 -0.35 8.40 9.10
N THR B 21 0.05 9.21 10.08
CA THR B 21 0.63 10.52 9.84
C THR B 21 1.97 10.59 10.56
N GLY B 22 2.67 11.70 10.36
CA GLY B 22 3.89 11.95 11.09
C GLY B 22 5.12 11.30 10.49
N GLY B 23 6.15 11.13 11.31
CA GLY B 23 7.43 10.64 10.84
C GLY B 23 8.48 11.73 11.04
N LYS B 24 9.73 11.39 10.73
CA LYS B 24 10.86 12.32 10.94
C LYS B 24 10.65 13.75 10.41
N GLU B 25 10.29 13.88 9.13
CA GLU B 25 10.23 15.21 8.51
C GLU B 25 9.19 16.14 9.12
N HIS B 26 8.25 15.56 9.85
CA HIS B 26 7.19 16.31 10.50
C HIS B 26 7.52 16.55 11.97
N GLY B 27 8.64 15.98 12.42
CA GLY B 27 9.09 16.17 13.78
C GLY B 27 8.25 15.46 14.83
N VAL B 28 7.50 14.45 14.40
CA VAL B 28 6.64 13.70 15.32
C VAL B 28 6.73 12.21 15.01
N PRO B 29 6.32 11.36 15.96
CA PRO B 29 6.32 9.91 15.69
C PRO B 29 5.35 9.54 14.58
N ILE B 30 5.48 8.32 14.07
CA ILE B 30 4.46 7.73 13.21
C ILE B 30 3.21 7.53 14.06
N LEU B 31 2.12 8.21 13.72
CA LEU B 31 0.88 8.13 14.47
C LEU B 31 -0.24 7.55 13.64
N ILE B 32 -1.08 6.75 14.28
CA ILE B 32 -2.31 6.26 13.65
C ILE B 32 -3.32 7.40 13.63
N SER B 33 -3.80 7.73 12.44
CA SER B 33 -4.78 8.82 12.27
C SER B 33 -6.19 8.30 11.97
N GLU B 34 -6.27 7.06 11.53
N GLU B 34 -6.29 7.07 11.52
CA GLU B 34 -7.56 6.44 11.20
CA GLU B 34 -7.59 6.45 11.28
C GLU B 34 -7.48 4.93 11.37
C GLU B 34 -7.50 4.95 11.35
N ILE B 35 -8.58 4.33 11.82
CA ILE B 35 -8.74 2.88 11.80
C ILE B 35 -9.95 2.61 10.89
N HIS B 36 -9.69 1.97 9.75
N HIS B 36 -9.71 1.97 9.76
CA HIS B 36 -10.70 1.69 8.71
CA HIS B 36 -10.77 1.82 8.77
C HIS B 36 -11.72 0.67 9.23
C HIS B 36 -11.72 0.69 9.11
N PRO B 37 -13.02 1.01 9.17
CA PRO B 37 -14.04 0.07 9.64
C PRO B 37 -14.06 -1.23 8.83
N GLY B 38 -14.08 -2.36 9.53
CA GLY B 38 -14.16 -3.66 8.89
C GLY B 38 -12.86 -4.23 8.34
N GLN B 39 -11.77 -3.48 8.45
CA GLN B 39 -10.48 -3.99 7.97
CA GLN B 39 -10.47 -3.95 7.97
C GLN B 39 -9.66 -4.54 9.13
N PRO B 40 -8.47 -5.11 8.85
CA PRO B 40 -7.84 -5.88 9.92
C PRO B 40 -7.57 -5.17 11.27
N ALA B 41 -7.09 -3.94 11.27
CA ALA B 41 -6.79 -3.26 12.52
C ALA B 41 -8.07 -3.15 13.35
N ASP B 42 -9.17 -2.82 12.68
CA ASP B 42 -10.44 -2.66 13.39
C ASP B 42 -10.88 -3.98 13.99
N ARG B 43 -10.78 -5.05 13.19
N ARG B 43 -10.79 -5.05 13.21
CA ARG B 43 -11.25 -6.37 13.61
CA ARG B 43 -11.28 -6.35 13.65
C ARG B 43 -10.44 -6.89 14.78
C ARG B 43 -10.43 -6.94 14.77
N CYS B 44 -9.12 -6.77 14.70
CA CYS B 44 -8.24 -7.37 15.69
C CYS B 44 -8.20 -6.59 17.00
N GLY B 45 -8.55 -5.31 16.92
CA GLY B 45 -8.63 -4.44 18.07
C GLY B 45 -7.24 -4.09 18.59
N GLY B 46 -7.22 -3.30 19.65
CA GLY B 46 -5.97 -2.99 20.30
C GLY B 46 -5.29 -1.74 19.77
N LEU B 47 -5.67 -1.30 18.58
CA LEU B 47 -5.05 -0.12 17.97
C LEU B 47 -6.00 1.05 17.89
N HIS B 48 -5.54 2.23 18.29
CA HIS B 48 -6.41 3.40 18.37
C HIS B 48 -5.83 4.61 17.69
N VAL B 49 -6.73 5.47 17.21
CA VAL B 49 -6.32 6.74 16.67
C VAL B 49 -5.54 7.53 17.72
N GLY B 50 -4.36 8.01 17.35
CA GLY B 50 -3.52 8.70 18.30
C GLY B 50 -2.39 7.87 18.88
N ASP B 51 -2.42 6.57 18.65
CA ASP B 51 -1.31 5.71 19.03
C ASP B 51 -0.08 6.05 18.18
N ALA B 52 1.08 6.15 18.82
CA ALA B 52 2.34 6.14 18.12
C ALA B 52 2.77 4.70 17.86
N ILE B 53 3.25 4.41 16.65
CA ILE B 53 3.77 3.08 16.36
C ILE B 53 5.29 3.10 16.56
N LEU B 54 5.76 2.41 17.58
CA LEU B 54 7.18 2.44 17.91
C LEU B 54 7.94 1.41 17.09
N ALA B 55 7.26 0.33 16.73
CA ALA B 55 7.90 -0.78 16.05
C ALA B 55 6.84 -1.70 15.45
N VAL B 56 7.20 -2.38 14.38
CA VAL B 56 6.32 -3.41 13.83
C VAL B 56 7.17 -4.66 13.54
N ASN B 57 6.75 -5.80 14.09
CA ASN B 57 7.48 -7.04 13.92
C ASN B 57 8.97 -6.89 14.25
N GLY B 58 9.26 -6.06 15.25
CA GLY B 58 10.63 -5.84 15.68
C GLY B 58 11.35 -4.73 14.95
N VAL B 59 10.80 -4.26 13.85
CA VAL B 59 11.43 -3.20 13.09
C VAL B 59 11.15 -1.84 13.72
N ASN B 60 12.20 -1.20 14.20
CA ASN B 60 12.08 0.11 14.85
C ASN B 60 11.56 1.19 13.90
N LEU B 61 10.52 1.91 14.32
CA LEU B 61 9.92 2.94 13.48
C LEU B 61 10.14 4.33 14.07
N ARG B 62 10.87 4.40 15.18
CA ARG B 62 11.02 5.66 15.91
C ARG B 62 11.78 6.71 15.09
N ASP B 63 12.62 6.26 14.18
CA ASP B 63 13.53 7.16 13.47
C ASP B 63 13.33 7.18 11.95
N THR B 64 12.15 6.75 11.48
CA THR B 64 11.91 6.67 10.05
C THR B 64 11.12 7.87 9.52
N LYS B 65 11.38 8.23 8.26
CA LYS B 65 10.56 9.21 7.56
C LYS B 65 9.20 8.60 7.23
N HIS B 66 8.24 9.45 6.86
CA HIS B 66 6.86 9.01 6.64
C HIS B 66 6.74 7.97 5.56
N LYS B 67 7.23 8.29 4.36
CA LYS B 67 7.10 7.37 3.23
C LYS B 67 7.79 6.05 3.55
N GLU B 68 8.84 6.11 4.35
CA GLU B 68 9.58 4.92 4.74
C GLU B 68 8.80 4.03 5.72
N ALA B 69 8.15 4.63 6.69
CA ALA B 69 7.32 3.85 7.61
C ALA B 69 6.23 3.16 6.81
N VAL B 70 5.66 3.90 5.84
CA VAL B 70 4.64 3.33 4.97
C VAL B 70 5.15 2.04 4.32
N THR B 71 6.38 2.09 3.82
CA THR B 71 6.97 0.94 3.14
C THR B 71 7.14 -0.25 4.08
N ILE B 72 7.67 -0.01 5.28
CA ILE B 72 7.96 -1.06 6.25
C ILE B 72 6.68 -1.74 6.70
N LEU B 73 5.68 -0.93 7.02
CA LEU B 73 4.38 -1.43 7.44
C LEU B 73 3.72 -2.28 6.35
N SER B 74 3.79 -1.83 5.11
CA SER B 74 3.09 -2.49 4.00
CA SER B 74 3.07 -2.50 4.03
C SER B 74 3.70 -3.82 3.62
N GLN B 75 4.95 -4.03 4.02
CA GLN B 75 5.67 -5.24 3.66
C GLN B 75 5.47 -6.40 4.66
N GLN B 76 4.82 -6.12 5.78
CA GLN B 76 4.58 -7.16 6.78
C GLN B 76 3.40 -8.04 6.33
N ARG B 77 3.47 -9.33 6.65
CA ARG B 77 2.44 -10.27 6.21
C ARG B 77 1.98 -11.19 7.33
N GLY B 78 0.71 -11.59 7.29
CA GLY B 78 0.20 -12.62 8.18
C GLY B 78 -0.04 -12.16 9.61
N GLU B 79 0.83 -12.59 10.53
CA GLU B 79 0.73 -12.23 11.94
C GLU B 79 1.68 -11.07 12.19
N ILE B 80 1.15 -9.94 12.62
CA ILE B 80 1.95 -8.72 12.67
C ILE B 80 1.84 -8.10 14.05
N GLU B 81 2.98 -7.92 14.71
CA GLU B 81 2.99 -7.44 16.08
C GLU B 81 3.40 -5.97 16.10
N PHE B 82 2.53 -5.13 16.65
CA PHE B 82 2.79 -3.71 16.79
C PHE B 82 3.24 -3.39 18.20
N GLU B 83 4.24 -2.53 18.34
CA GLU B 83 4.54 -1.94 19.63
C GLU B 83 4.03 -0.52 19.55
N VAL B 84 3.02 -0.20 20.36
CA VAL B 84 2.36 1.09 20.29
C VAL B 84 2.23 1.73 21.67
N VAL B 85 2.09 3.05 21.67
CA VAL B 85 1.95 3.81 22.91
C VAL B 85 1.02 4.98 22.62
N TYR B 86 0.06 5.21 23.51
CA TYR B 86 -0.80 6.37 23.36
C TYR B 86 -0.12 7.57 23.97
N VAL B 87 0.26 8.52 23.14
CA VAL B 87 1.11 9.60 23.59
C VAL B 87 0.32 10.85 23.99
N ARG C 5 -2.34 14.97 -21.99
CA ARG C 5 -2.38 14.22 -20.74
C ARG C 5 -1.42 13.03 -20.77
N ARG C 6 -0.57 12.96 -19.75
CA ARG C 6 0.38 11.86 -19.58
C ARG C 6 -0.34 10.53 -19.37
N GLU C 7 -0.17 9.61 -20.31
CA GLU C 7 -0.72 8.27 -20.15
C GLU C 7 0.20 7.24 -20.80
N THR C 8 0.52 6.19 -20.05
CA THR C 8 1.49 5.21 -20.54
C THR C 8 0.95 3.79 -20.49
N GLN C 9 1.12 3.05 -21.58
CA GLN C 9 0.80 1.63 -21.62
C GLN C 9 1.95 0.80 -21.08
N VAL C 10 1.65 -0.03 -20.08
CA VAL C 10 2.66 -0.90 -19.49
C VAL C 10 2.18 -2.35 -19.38
N GLU D 7 -1.02 12.18 5.72
CA GLU D 7 -1.86 11.03 6.07
C GLU D 7 -1.94 10.00 4.95
N THR D 8 -1.52 8.78 5.25
CA THR D 8 -1.45 7.73 4.23
C THR D 8 -2.11 6.45 4.70
N GLN D 9 -2.92 5.86 3.82
CA GLN D 9 -3.57 4.60 4.11
C GLN D 9 -2.66 3.41 3.81
N VAL D 10 -2.59 2.46 4.76
CA VAL D 10 -1.82 1.23 4.60
C VAL D 10 -2.61 -0.01 5.04
#